data_1T2W
#
_entry.id   1T2W
#
_cell.length_a   45.640
_cell.length_b   82.670
_cell.length_c   56.290
_cell.angle_alpha   90.00
_cell.angle_beta   103.96
_cell.angle_gamma   90.00
#
_symmetry.space_group_name_H-M   'P 1 21 1'
#
loop_
_entity.id
_entity.type
_entity.pdbx_description
1 polymer 'Class A sortase SrtA'
2 polymer 'Peptide LEU-PRO-GLU-THR-GLY'
3 water water
#
loop_
_entity_poly.entity_id
_entity_poly.type
_entity_poly.pdbx_seq_one_letter_code
_entity_poly.pdbx_strand_id
1 'polypeptide(L)'
;KPQIPKDKSKVAGYIEIPDADIKEPVYPGPATPEQLNRGVSFAEENESLDDQNISIAGHTFIDRPNYQFTNLKAAKKGSM
VYFKVGNETRKYKMTSIRDVKPTDVGVLDEQKGKDKQLTLITADDYNEKTGVWEKRKIFVATEVK
;
A,B,C
2 'polypeptide(L)' LPETG D
#
# COMPACT_ATOMS: atom_id res chain seq x y z
N LYS A 1 -11.79 -11.67 -7.26
CA LYS A 1 -11.96 -10.19 -7.33
C LYS A 1 -12.25 -9.61 -5.94
N PRO A 2 -11.82 -8.36 -5.70
CA PRO A 2 -12.02 -7.68 -4.42
C PRO A 2 -13.46 -7.80 -3.93
N GLN A 3 -13.64 -8.24 -2.68
CA GLN A 3 -14.98 -8.39 -2.11
C GLN A 3 -15.22 -7.57 -0.86
N ILE A 4 -16.44 -7.04 -0.76
CA ILE A 4 -16.83 -6.24 0.40
C ILE A 4 -17.38 -7.23 1.43
N PRO A 5 -16.94 -7.11 2.69
CA PRO A 5 -17.37 -7.99 3.78
C PRO A 5 -18.88 -8.00 4.01
N LYS A 6 -19.41 -9.15 4.39
CA LYS A 6 -20.82 -9.29 4.68
C LYS A 6 -21.07 -8.68 6.05
N ASP A 7 -20.09 -8.84 6.93
CA ASP A 7 -20.14 -8.28 8.28
C ASP A 7 -19.93 -6.77 8.18
N LYS A 8 -20.96 -5.99 8.54
CA LYS A 8 -20.88 -4.53 8.46
C LYS A 8 -19.84 -3.88 9.38
N SER A 9 -19.32 -4.64 10.34
CA SER A 9 -18.34 -4.08 11.27
C SER A 9 -16.91 -4.30 10.81
N LYS A 10 -16.74 -4.94 9.66
CA LYS A 10 -15.40 -5.20 9.13
C LYS A 10 -14.99 -4.25 8.03
N VAL A 11 -13.76 -3.75 8.12
CA VAL A 11 -13.23 -2.83 7.13
C VAL A 11 -13.11 -3.49 5.76
N ALA A 12 -13.53 -2.78 4.72
CA ALA A 12 -13.48 -3.29 3.36
C ALA A 12 -12.37 -2.65 2.54
N GLY A 13 -11.88 -1.51 2.99
CA GLY A 13 -10.82 -0.83 2.25
C GLY A 13 -10.32 0.41 2.95
N TYR A 14 -9.53 1.20 2.22
CA TYR A 14 -8.96 2.41 2.77
C TYR A 14 -9.00 3.48 1.68
N ILE A 15 -9.38 4.70 2.04
CA ILE A 15 -9.40 5.77 1.06
C ILE A 15 -8.47 6.88 1.52
N GLU A 16 -7.69 7.41 0.58
CA GLU A 16 -6.76 8.48 0.92
C GLU A 16 -6.77 9.61 -0.10
N ILE A 17 -6.82 10.84 0.40
CA ILE A 17 -6.78 12.03 -0.45
C ILE A 17 -5.78 12.96 0.24
N PRO A 18 -4.49 12.80 -0.08
CA PRO A 18 -3.37 13.58 0.46
C PRO A 18 -3.56 15.09 0.50
N ASP A 19 -4.03 15.68 -0.59
CA ASP A 19 -4.25 17.12 -0.65
C ASP A 19 -5.21 17.62 0.42
N ALA A 20 -6.10 16.75 0.88
CA ALA A 20 -7.06 17.13 1.92
C ALA A 20 -6.75 16.46 3.25
N ASP A 21 -5.60 15.80 3.31
CA ASP A 21 -5.15 15.09 4.52
C ASP A 21 -6.14 14.03 5.00
N ILE A 22 -6.83 13.40 4.05
CA ILE A 22 -7.80 12.36 4.38
C ILE A 22 -7.19 10.96 4.29
N LYS A 23 -7.38 10.17 5.34
CA LYS A 23 -6.90 8.80 5.42
C LYS A 23 -7.95 8.08 6.25
N GLU A 24 -8.82 7.30 5.61
CA GLU A 24 -9.90 6.64 6.33
C GLU A 24 -10.19 5.20 5.91
N PRO A 25 -10.55 4.35 6.89
CA PRO A 25 -10.88 2.97 6.58
C PRO A 25 -12.27 3.08 5.97
N VAL A 26 -12.61 2.19 5.03
CA VAL A 26 -13.93 2.22 4.39
C VAL A 26 -14.69 0.98 4.82
N TYR A 27 -15.92 1.18 5.29
CA TYR A 27 -16.76 0.07 5.74
C TYR A 27 -17.88 -0.24 4.74
N PRO A 28 -18.50 -1.42 4.88
CA PRO A 28 -19.58 -1.80 3.97
C PRO A 28 -20.76 -0.83 4.08
N GLY A 29 -21.55 -0.77 3.01
CA GLY A 29 -22.71 0.09 3.01
C GLY A 29 -23.91 -0.69 3.52
N PRO A 30 -25.11 -0.10 3.52
CA PRO A 30 -25.40 1.26 3.06
C PRO A 30 -24.88 2.27 4.08
N ALA A 31 -24.70 3.51 3.65
CA ALA A 31 -24.18 4.56 4.53
C ALA A 31 -25.22 5.13 5.49
N THR A 32 -25.45 4.42 6.59
CA THR A 32 -26.39 4.87 7.62
C THR A 32 -25.56 5.52 8.72
N PRO A 33 -26.22 6.15 9.69
CA PRO A 33 -25.47 6.78 10.78
C PRO A 33 -24.57 5.78 11.50
N GLU A 34 -25.05 4.54 11.71
CA GLU A 34 -24.22 3.55 12.38
C GLU A 34 -22.94 3.27 11.59
N GLN A 35 -23.08 3.08 10.28
CA GLN A 35 -21.91 2.80 9.46
C GLN A 35 -20.93 3.97 9.45
N LEU A 36 -21.44 5.19 9.31
CA LEU A 36 -20.56 6.36 9.31
C LEU A 36 -19.97 6.62 10.69
N ASN A 37 -20.57 6.02 11.71
CA ASN A 37 -20.07 6.16 13.06
C ASN A 37 -18.80 5.30 13.11
N ARG A 38 -18.77 4.25 12.30
CA ARG A 38 -17.61 3.36 12.22
C ARG A 38 -16.49 3.99 11.39
N GLY A 39 -16.89 4.63 10.29
CA GLY A 39 -15.95 5.28 9.39
C GLY A 39 -16.66 5.59 8.10
N VAL A 40 -15.96 6.11 7.09
CA VAL A 40 -16.63 6.39 5.82
C VAL A 40 -17.08 5.01 5.33
N SER A 41 -18.16 4.98 4.56
CA SER A 41 -18.68 3.71 4.08
C SER A 41 -19.25 3.79 2.67
N PHE A 42 -19.39 2.62 2.05
CA PHE A 42 -19.96 2.59 0.73
C PHE A 42 -21.39 3.09 0.79
N ALA A 43 -21.78 3.77 -0.28
CA ALA A 43 -23.09 4.36 -0.39
C ALA A 43 -24.26 3.37 -0.30
N GLU A 44 -24.20 2.33 -1.13
CA GLU A 44 -25.28 1.34 -1.19
C GLU A 44 -24.85 -0.01 -0.60
N GLU A 45 -25.84 -0.78 -0.15
CA GLU A 45 -25.57 -2.10 0.43
C GLU A 45 -25.14 -3.10 -0.64
N ASN A 46 -25.61 -2.87 -1.85
CA ASN A 46 -25.30 -3.75 -2.98
C ASN A 46 -24.13 -3.25 -3.82
N GLU A 47 -23.28 -2.41 -3.25
CA GLU A 47 -22.13 -1.88 -3.97
C GLU A 47 -21.18 -3.01 -4.38
N SER A 48 -20.40 -2.77 -5.44
CA SER A 48 -19.44 -3.75 -5.93
C SER A 48 -18.13 -3.11 -6.36
N LEU A 49 -17.01 -3.69 -5.96
CA LEU A 49 -15.71 -3.15 -6.30
C LEU A 49 -15.40 -3.30 -7.80
N ASP A 50 -16.29 -3.94 -8.52
CA ASP A 50 -16.09 -4.12 -9.96
C ASP A 50 -16.97 -3.16 -10.75
N ASP A 51 -17.73 -2.33 -10.04
CA ASP A 51 -18.62 -1.36 -10.67
C ASP A 51 -17.89 -0.21 -11.36
N GLN A 52 -18.54 0.39 -12.36
CA GLN A 52 -17.98 1.50 -13.11
C GLN A 52 -17.92 2.73 -12.19
N ASN A 53 -18.91 2.83 -11.30
CA ASN A 53 -18.98 3.94 -10.36
C ASN A 53 -19.13 3.38 -8.96
N ILE A 54 -18.15 3.67 -8.10
CA ILE A 54 -18.19 3.21 -6.72
C ILE A 54 -18.42 4.45 -5.86
N SER A 55 -19.45 4.41 -5.03
CA SER A 55 -19.77 5.56 -4.18
C SER A 55 -19.45 5.35 -2.72
N ILE A 56 -18.77 6.33 -2.13
CA ILE A 56 -18.39 6.28 -0.72
C ILE A 56 -18.84 7.57 -0.03
N ALA A 57 -19.52 7.42 1.10
CA ALA A 57 -20.02 8.57 1.86
C ALA A 57 -19.21 8.80 3.14
N GLY A 58 -19.04 10.07 3.48
CA GLY A 58 -18.29 10.41 4.68
C GLY A 58 -18.91 11.60 5.37
N HIS A 59 -18.77 11.64 6.69
CA HIS A 59 -19.31 12.72 7.52
C HIS A 59 -18.54 14.03 7.43
N THR A 60 -19.21 15.10 7.80
CA THR A 60 -18.65 16.46 7.87
C THR A 60 -18.93 16.84 9.33
N PHE A 61 -17.90 17.14 10.09
CA PHE A 61 -18.06 17.47 11.52
C PHE A 61 -17.04 18.54 11.90
N ILE A 62 -17.50 19.79 12.01
CA ILE A 62 -16.62 20.92 12.32
C ILE A 62 -15.82 20.83 13.62
N ASP A 63 -16.27 20.01 14.56
CA ASP A 63 -15.55 19.86 15.82
C ASP A 63 -14.23 19.13 15.55
N ARG A 64 -14.15 18.44 14.42
CA ARG A 64 -12.95 17.70 14.04
C ARG A 64 -12.63 17.96 12.56
N PRO A 65 -11.91 19.06 12.27
CA PRO A 65 -11.51 19.50 10.94
C PRO A 65 -11.02 18.43 9.95
N ASN A 66 -10.31 17.43 10.47
CA ASN A 66 -9.77 16.38 9.63
C ASN A 66 -10.46 15.03 9.82
N TYR A 67 -11.71 15.10 10.24
CA TYR A 67 -12.52 13.90 10.46
C TYR A 67 -13.25 13.51 9.18
N GLN A 68 -13.06 12.26 8.76
CA GLN A 68 -13.69 11.76 7.55
C GLN A 68 -13.64 12.74 6.38
N PHE A 69 -14.79 13.20 5.88
CA PHE A 69 -14.79 14.11 4.73
C PHE A 69 -14.99 15.59 5.04
N THR A 70 -14.75 15.98 6.28
CA THR A 70 -14.90 17.37 6.69
C THR A 70 -14.01 18.31 5.87
N ASN A 71 -12.81 17.84 5.51
CA ASN A 71 -11.87 18.67 4.75
C ASN A 71 -11.76 18.33 3.26
N LEU A 72 -12.74 17.62 2.72
CA LEU A 72 -12.71 17.22 1.31
C LEU A 72 -12.71 18.38 0.30
N LYS A 73 -13.24 19.53 0.70
CA LYS A 73 -13.26 20.68 -0.21
C LYS A 73 -11.84 21.13 -0.55
N ALA A 74 -10.87 20.68 0.24
CA ALA A 74 -9.48 21.04 0.01
C ALA A 74 -8.88 20.29 -1.18
N ALA A 75 -9.61 19.30 -1.69
CA ALA A 75 -9.16 18.51 -2.83
C ALA A 75 -9.71 19.09 -4.12
N LYS A 76 -8.87 19.85 -4.83
CA LYS A 76 -9.26 20.50 -6.07
C LYS A 76 -9.11 19.63 -7.31
N LYS A 77 -9.43 20.19 -8.47
CA LYS A 77 -9.31 19.46 -9.72
C LYS A 77 -7.88 18.93 -9.85
N GLY A 78 -7.76 17.65 -10.19
CA GLY A 78 -6.44 17.05 -10.34
C GLY A 78 -5.88 16.39 -9.10
N SER A 79 -6.49 16.63 -7.94
CA SER A 79 -6.00 16.02 -6.70
C SER A 79 -6.05 14.50 -6.79
N MET A 80 -4.98 13.86 -6.33
CA MET A 80 -4.86 12.40 -6.34
C MET A 80 -5.71 11.76 -5.25
N VAL A 81 -6.39 10.67 -5.62
CA VAL A 81 -7.23 9.90 -4.70
C VAL A 81 -6.78 8.44 -4.79
N TYR A 82 -6.50 7.85 -3.64
CA TYR A 82 -6.06 6.46 -3.59
C TYR A 82 -7.08 5.58 -2.87
N PHE A 83 -7.55 4.55 -3.55
CA PHE A 83 -8.52 3.62 -2.97
C PHE A 83 -7.79 2.28 -2.84
N LYS A 84 -7.55 1.87 -1.60
CA LYS A 84 -6.85 0.63 -1.38
C LYS A 84 -7.75 -0.51 -0.98
N VAL A 85 -7.62 -1.60 -1.73
CA VAL A 85 -8.36 -2.83 -1.47
C VAL A 85 -7.27 -3.84 -1.11
N GLY A 86 -7.67 -5.04 -0.71
CA GLY A 86 -6.70 -6.04 -0.33
C GLY A 86 -5.56 -6.36 -1.30
N ASN A 87 -5.86 -6.32 -2.60
CA ASN A 87 -4.86 -6.67 -3.60
C ASN A 87 -4.49 -5.56 -4.59
N GLU A 88 -4.86 -4.32 -4.30
CA GLU A 88 -4.53 -3.26 -5.24
C GLU A 88 -4.76 -1.85 -4.71
N THR A 89 -3.98 -0.92 -5.23
CA THR A 89 -4.10 0.47 -4.87
C THR A 89 -4.61 1.09 -6.15
N ARG A 90 -5.86 1.50 -6.16
CA ARG A 90 -6.46 2.13 -7.33
C ARG A 90 -6.23 3.61 -7.21
N LYS A 91 -5.85 4.25 -8.31
CA LYS A 91 -5.58 5.68 -8.31
C LYS A 91 -6.58 6.44 -9.18
N TYR A 92 -7.04 7.58 -8.66
CA TYR A 92 -7.98 8.42 -9.39
C TYR A 92 -7.59 9.88 -9.22
N LYS A 93 -8.09 10.73 -10.12
CA LYS A 93 -7.84 12.16 -10.06
C LYS A 93 -9.16 12.88 -9.96
N MET A 94 -9.25 13.85 -9.06
CA MET A 94 -10.47 14.62 -8.86
C MET A 94 -10.82 15.37 -10.15
N THR A 95 -12.11 15.35 -10.51
CA THR A 95 -12.56 16.03 -11.73
C THR A 95 -13.17 17.38 -11.38
N SER A 96 -13.74 18.05 -12.38
CA SER A 96 -14.37 19.34 -12.17
C SER A 96 -15.72 19.21 -11.49
N ILE A 97 -16.19 17.98 -11.33
CA ILE A 97 -17.46 17.74 -10.67
C ILE A 97 -17.12 17.55 -9.20
N ARG A 98 -16.97 18.66 -8.49
CA ARG A 98 -16.62 18.61 -7.07
C ARG A 98 -17.34 19.66 -6.24
N ASP A 99 -17.66 19.28 -5.00
CA ASP A 99 -18.34 20.16 -4.07
C ASP A 99 -19.63 20.68 -4.70
N VAL A 100 -20.37 19.80 -5.36
CA VAL A 100 -21.62 20.20 -5.98
C VAL A 100 -22.82 19.46 -5.39
N LYS A 101 -23.96 20.15 -5.35
CA LYS A 101 -25.19 19.56 -4.83
C LYS A 101 -25.55 18.37 -5.72
N PRO A 102 -26.01 17.26 -5.12
CA PRO A 102 -26.40 16.03 -5.84
C PRO A 102 -27.28 16.21 -7.07
N THR A 103 -28.25 17.11 -6.97
CA THR A 103 -29.18 17.36 -8.07
C THR A 103 -29.17 18.77 -8.62
N ASP A 104 -29.06 18.87 -9.94
CA ASP A 104 -29.05 20.12 -10.71
C ASP A 104 -27.78 20.95 -10.71
N VAL A 105 -26.92 20.75 -9.71
CA VAL A 105 -25.66 21.49 -9.68
C VAL A 105 -24.66 20.71 -10.52
N GLY A 106 -24.81 19.39 -10.51
CA GLY A 106 -23.94 18.51 -11.27
C GLY A 106 -24.59 17.15 -11.43
N VAL A 107 -24.22 16.42 -12.47
CA VAL A 107 -24.79 15.10 -12.73
C VAL A 107 -23.81 14.15 -13.41
N LEU A 108 -24.34 13.03 -13.90
CA LEU A 108 -23.56 12.00 -14.58
C LEU A 108 -22.36 12.53 -15.37
N ASP A 109 -21.20 12.59 -14.72
CA ASP A 109 -20.00 13.07 -15.39
C ASP A 109 -19.32 11.96 -16.19
N GLU A 110 -19.13 10.80 -15.56
CA GLU A 110 -18.48 9.68 -16.24
C GLU A 110 -19.19 8.37 -15.89
N GLN A 111 -20.37 8.46 -15.28
CA GLN A 111 -21.11 7.29 -14.87
C GLN A 111 -21.37 6.32 -16.03
N LYS A 112 -21.11 6.77 -17.25
CA LYS A 112 -21.33 5.96 -18.43
C LYS A 112 -20.09 5.93 -19.33
N GLY A 113 -19.34 7.03 -19.29
CA GLY A 113 -18.15 7.10 -20.12
C GLY A 113 -16.90 7.60 -19.41
N LYS A 114 -15.79 7.59 -20.17
CA LYS A 114 -14.49 8.05 -19.70
C LYS A 114 -13.84 7.18 -18.63
N ASP A 115 -14.35 5.96 -18.45
CA ASP A 115 -13.79 4.99 -17.51
C ASP A 115 -14.30 4.90 -16.06
N LYS A 116 -13.64 4.05 -15.28
CA LYS A 116 -13.98 3.83 -13.88
C LYS A 116 -13.89 5.12 -13.07
N GLN A 117 -14.80 5.26 -12.10
CA GLN A 117 -14.81 6.46 -11.27
C GLN A 117 -15.23 6.20 -9.83
N LEU A 118 -14.89 7.16 -8.99
CA LEU A 118 -15.22 7.11 -7.59
C LEU A 118 -16.07 8.35 -7.32
N THR A 119 -17.21 8.16 -6.66
CA THR A 119 -18.06 9.28 -6.31
C THR A 119 -17.99 9.41 -4.79
N LEU A 120 -17.36 10.48 -4.31
CA LEU A 120 -17.23 10.73 -2.88
C LEU A 120 -18.34 11.68 -2.47
N ILE A 121 -19.07 11.30 -1.42
CA ILE A 121 -20.18 12.07 -0.92
C ILE A 121 -20.03 12.52 0.51
N THR A 122 -20.06 13.83 0.74
CA THR A 122 -20.00 14.35 2.09
C THR A 122 -21.46 14.27 2.54
N ALA A 123 -21.70 13.64 3.68
CA ALA A 123 -23.07 13.47 4.17
C ALA A 123 -23.30 14.08 5.56
N ASP A 124 -24.48 14.67 5.74
CA ASP A 124 -24.86 15.28 7.01
C ASP A 124 -26.38 15.42 7.11
N ASP A 125 -26.89 15.50 8.33
CA ASP A 125 -28.32 15.64 8.59
C ASP A 125 -29.12 14.46 8.03
N TYR A 126 -28.94 13.30 8.63
CA TYR A 126 -29.66 12.10 8.22
C TYR A 126 -31.11 12.21 8.68
N ASN A 127 -32.04 11.89 7.79
CA ASN A 127 -33.47 11.93 8.09
C ASN A 127 -33.98 10.49 8.15
N GLU A 128 -34.22 9.98 9.36
CA GLU A 128 -34.69 8.60 9.53
C GLU A 128 -36.01 8.28 8.82
N LYS A 129 -36.86 9.29 8.66
CA LYS A 129 -38.15 9.05 8.01
C LYS A 129 -38.03 8.72 6.53
N THR A 130 -37.05 9.35 5.87
CA THR A 130 -36.83 9.15 4.45
C THR A 130 -35.60 8.33 4.09
N GLY A 131 -34.72 8.13 5.07
CA GLY A 131 -33.50 7.37 4.84
C GLY A 131 -32.52 8.13 3.96
N VAL A 132 -32.56 9.46 4.04
CA VAL A 132 -31.70 10.30 3.22
C VAL A 132 -30.86 11.28 4.03
N TRP A 133 -29.64 11.55 3.56
CA TRP A 133 -28.79 12.54 4.20
C TRP A 133 -29.18 13.81 3.45
N GLU A 134 -29.95 14.67 4.09
CA GLU A 134 -30.41 15.89 3.44
C GLU A 134 -29.34 16.88 3.00
N LYS A 135 -28.18 16.83 3.65
CA LYS A 135 -27.07 17.72 3.33
C LYS A 135 -25.96 16.90 2.65
N ARG A 136 -25.83 17.06 1.33
CA ARG A 136 -24.84 16.30 0.57
C ARG A 136 -24.14 17.09 -0.53
N LYS A 137 -22.86 16.81 -0.69
CA LYS A 137 -22.04 17.43 -1.72
C LYS A 137 -21.27 16.28 -2.35
N ILE A 138 -21.21 16.25 -3.68
CA ILE A 138 -20.51 15.18 -4.36
C ILE A 138 -19.20 15.58 -5.01
N PHE A 139 -18.26 14.64 -5.02
CA PHE A 139 -16.95 14.84 -5.60
C PHE A 139 -16.66 13.63 -6.46
N VAL A 140 -16.46 13.85 -7.76
CA VAL A 140 -16.18 12.75 -8.67
C VAL A 140 -14.70 12.70 -9.09
N ALA A 141 -14.10 11.51 -8.96
CA ALA A 141 -12.71 11.29 -9.33
C ALA A 141 -12.65 10.19 -10.39
N THR A 142 -11.86 10.41 -11.44
CA THR A 142 -11.76 9.41 -12.50
C THR A 142 -10.45 8.64 -12.42
N GLU A 143 -10.50 7.34 -12.74
CA GLU A 143 -9.31 6.50 -12.67
C GLU A 143 -8.21 6.93 -13.63
N VAL A 144 -6.98 6.83 -13.16
CA VAL A 144 -5.82 7.19 -13.96
C VAL A 144 -5.45 6.00 -14.83
N LYS A 145 -6.36 5.61 -15.73
CA LYS A 145 -6.13 4.48 -16.61
C LYS A 145 -7.35 4.25 -17.49
N ILE B 4 16.01 -23.92 8.30
CA ILE B 4 15.56 -23.01 9.38
C ILE B 4 16.76 -22.40 10.09
N PRO B 5 17.34 -21.34 9.50
CA PRO B 5 18.50 -20.60 10.00
C PRO B 5 18.47 -20.24 11.48
N LYS B 6 19.66 -20.14 12.07
CA LYS B 6 19.80 -19.79 13.48
C LYS B 6 19.73 -18.26 13.57
N ASP B 7 20.28 -17.62 12.54
CA ASP B 7 20.29 -16.16 12.43
C ASP B 7 18.86 -15.74 12.09
N LYS B 8 18.26 -14.92 12.94
CA LYS B 8 16.88 -14.48 12.71
C LYS B 8 16.72 -13.42 11.61
N SER B 9 17.83 -12.95 11.06
CA SER B 9 17.78 -11.96 9.99
C SER B 9 17.86 -12.66 8.65
N LYS B 10 18.06 -13.98 8.66
CA LYS B 10 18.16 -14.74 7.42
C LYS B 10 16.83 -15.38 7.03
N VAL B 11 16.55 -15.43 5.73
CA VAL B 11 15.31 -16.04 5.25
C VAL B 11 15.30 -17.55 5.52
N ALA B 12 14.23 -18.02 6.13
CA ALA B 12 14.08 -19.44 6.45
C ALA B 12 13.42 -20.22 5.33
N GLY B 13 12.40 -19.62 4.72
CA GLY B 13 11.70 -20.29 3.63
C GLY B 13 10.83 -19.32 2.86
N TYR B 14 9.94 -19.84 2.03
CA TYR B 14 9.04 -19.00 1.25
C TYR B 14 7.64 -19.57 1.27
N ILE B 15 6.66 -18.67 1.29
CA ILE B 15 5.26 -19.09 1.31
C ILE B 15 4.57 -18.47 0.09
N GLU B 16 3.72 -19.25 -0.56
CA GLU B 16 3.01 -18.75 -1.73
C GLU B 16 1.55 -19.17 -1.75
N ILE B 17 0.66 -18.20 -1.93
CA ILE B 17 -0.78 -18.47 -1.98
C ILE B 17 -1.36 -17.72 -3.18
N PRO B 18 -1.45 -18.40 -4.33
CA PRO B 18 -1.97 -17.85 -5.58
C PRO B 18 -3.28 -17.07 -5.50
N ASP B 19 -4.30 -17.67 -4.89
CA ASP B 19 -5.60 -17.00 -4.80
C ASP B 19 -5.54 -15.64 -4.12
N ALA B 20 -4.52 -15.44 -3.29
CA ALA B 20 -4.35 -14.18 -2.56
C ALA B 20 -3.22 -13.33 -3.15
N ASP B 21 -2.57 -13.83 -4.20
CA ASP B 21 -1.47 -13.10 -4.83
C ASP B 21 -0.33 -12.89 -3.84
N ILE B 22 -0.15 -13.85 -2.94
CA ILE B 22 0.90 -13.78 -1.93
C ILE B 22 2.10 -14.67 -2.26
N LYS B 23 3.28 -14.08 -2.20
CA LYS B 23 4.55 -14.78 -2.44
C LYS B 23 5.52 -14.04 -1.53
N GLU B 24 5.82 -14.64 -0.38
CA GLU B 24 6.67 -13.98 0.62
C GLU B 24 7.81 -14.79 1.21
N PRO B 25 8.87 -14.09 1.65
CA PRO B 25 10.00 -14.78 2.29
C PRO B 25 9.50 -15.01 3.71
N VAL B 26 9.93 -16.10 4.35
CA VAL B 26 9.51 -16.37 5.71
C VAL B 26 10.72 -16.35 6.62
N TYR B 27 10.66 -15.55 7.67
CA TYR B 27 11.77 -15.45 8.62
C TYR B 27 11.58 -16.33 9.85
N PRO B 28 12.67 -16.61 10.57
CA PRO B 28 12.62 -17.44 11.78
C PRO B 28 11.73 -16.80 12.84
N GLY B 29 11.15 -17.63 13.71
CA GLY B 29 10.31 -17.11 14.77
C GLY B 29 11.16 -16.90 16.01
N PRO B 30 10.58 -16.46 17.14
CA PRO B 30 9.15 -16.16 17.31
C PRO B 30 8.73 -14.92 16.53
N ALA B 31 7.44 -14.84 16.23
CA ALA B 31 6.89 -13.71 15.50
C ALA B 31 6.63 -12.54 16.45
N THR B 32 7.72 -11.90 16.88
CA THR B 32 7.63 -10.74 17.75
C THR B 32 7.52 -9.53 16.82
N PRO B 33 7.25 -8.34 17.36
CA PRO B 33 7.15 -7.17 16.49
C PRO B 33 8.38 -6.98 15.61
N GLU B 34 9.55 -7.28 16.16
CA GLU B 34 10.80 -7.12 15.42
C GLU B 34 10.89 -8.06 14.22
N GLN B 35 10.56 -9.32 14.42
CA GLN B 35 10.62 -10.27 13.32
C GLN B 35 9.60 -9.91 12.24
N LEU B 36 8.39 -9.53 12.67
CA LEU B 36 7.36 -9.17 11.71
C LEU B 36 7.76 -7.94 10.90
N ASN B 37 8.62 -7.11 11.49
CA ASN B 37 9.10 -5.92 10.80
C ASN B 37 10.02 -6.34 9.66
N ARG B 38 10.55 -7.56 9.76
CA ARG B 38 11.42 -8.09 8.72
C ARG B 38 10.55 -8.70 7.64
N GLY B 39 9.46 -9.33 8.07
CA GLY B 39 8.53 -9.94 7.13
C GLY B 39 7.75 -11.05 7.79
N VAL B 40 7.04 -11.84 6.98
CA VAL B 40 6.26 -12.96 7.47
C VAL B 40 7.24 -13.86 8.23
N SER B 41 6.84 -14.35 9.39
CA SER B 41 7.73 -15.18 10.21
C SER B 41 7.05 -16.35 10.89
N PHE B 42 7.82 -17.39 11.20
CA PHE B 42 7.27 -18.53 11.91
C PHE B 42 6.76 -17.97 13.23
N ALA B 43 5.60 -18.46 13.65
CA ALA B 43 4.99 -17.95 14.88
C ALA B 43 5.76 -18.27 16.15
N GLU B 44 6.30 -19.48 16.24
CA GLU B 44 7.04 -19.89 17.44
C GLU B 44 8.57 -19.93 17.36
N GLU B 45 9.18 -19.96 18.53
CA GLU B 45 10.64 -19.96 18.70
C GLU B 45 11.41 -20.98 17.87
N ASN B 46 11.08 -22.26 18.02
CA ASN B 46 11.77 -23.31 17.29
C ASN B 46 10.80 -24.26 16.59
N GLU B 47 10.28 -23.86 15.45
CA GLU B 47 9.35 -24.69 14.71
C GLU B 47 10.08 -25.53 13.67
N SER B 48 9.80 -26.83 13.66
CA SER B 48 10.42 -27.73 12.72
C SER B 48 9.45 -28.04 11.59
N LEU B 49 9.99 -28.40 10.43
CA LEU B 49 9.16 -28.71 9.27
C LEU B 49 8.50 -30.09 9.38
N ASP B 50 8.73 -30.78 10.50
CA ASP B 50 8.14 -32.10 10.70
C ASP B 50 7.03 -32.08 11.75
N ASP B 51 6.63 -30.88 12.17
CA ASP B 51 5.57 -30.77 13.16
C ASP B 51 4.19 -30.93 12.53
N GLN B 52 3.28 -31.53 13.28
CA GLN B 52 1.93 -31.74 12.80
C GLN B 52 1.26 -30.42 12.48
N ASN B 53 1.62 -29.36 13.21
CA ASN B 53 1.04 -28.05 12.98
C ASN B 53 2.08 -26.93 12.95
N ILE B 54 2.33 -26.42 11.76
CA ILE B 54 3.27 -25.32 11.57
C ILE B 54 2.49 -24.01 11.57
N SER B 55 3.00 -23.00 12.26
CA SER B 55 2.34 -21.71 12.32
C SER B 55 3.21 -20.62 11.74
N ILE B 56 2.62 -19.78 10.89
CA ILE B 56 3.34 -18.66 10.28
C ILE B 56 2.46 -17.43 10.42
N ALA B 57 3.05 -16.31 10.82
CA ALA B 57 2.28 -15.09 11.02
C ALA B 57 2.74 -13.94 10.17
N GLY B 58 1.82 -13.02 9.93
CA GLY B 58 2.16 -11.85 9.14
C GLY B 58 1.21 -10.70 9.38
N HIS B 59 1.67 -9.49 9.07
CA HIS B 59 0.87 -8.29 9.23
C HIS B 59 -0.27 -8.26 8.23
N THR B 60 -1.32 -7.52 8.58
CA THR B 60 -2.45 -7.31 7.70
C THR B 60 -2.81 -5.84 7.92
N PHE B 61 -2.30 -4.99 7.02
CA PHE B 61 -2.52 -3.55 7.09
C PHE B 61 -3.29 -3.14 5.84
N ILE B 62 -4.55 -2.78 6.02
CA ILE B 62 -5.41 -2.42 4.92
C ILE B 62 -4.91 -1.27 4.04
N ASP B 63 -4.09 -0.38 4.61
CA ASP B 63 -3.55 0.72 3.83
C ASP B 63 -2.30 0.32 3.05
N ARG B 64 -1.97 -0.97 3.08
CA ARG B 64 -0.80 -1.50 2.37
C ARG B 64 -1.17 -2.77 1.60
N PRO B 65 -1.91 -2.62 0.49
CA PRO B 65 -2.34 -3.77 -0.32
C PRO B 65 -1.19 -4.71 -0.69
N ASN B 66 -1.47 -6.01 -0.69
CA ASN B 66 -0.48 -7.01 -1.06
C ASN B 66 0.77 -7.05 -0.17
N TYR B 67 0.75 -6.35 0.97
CA TYR B 67 1.88 -6.37 1.89
C TYR B 67 1.65 -7.54 2.86
N GLN B 68 2.66 -8.39 3.00
CA GLN B 68 2.55 -9.57 3.86
C GLN B 68 1.21 -10.31 3.72
N PHE B 69 0.41 -10.38 4.78
CA PHE B 69 -0.86 -11.11 4.70
C PHE B 69 -2.09 -10.22 4.57
N THR B 70 -1.89 -8.99 4.09
CA THR B 70 -3.01 -8.08 3.94
C THR B 70 -4.14 -8.64 3.10
N ASN B 71 -3.82 -9.37 2.03
CA ASN B 71 -4.85 -9.91 1.15
C ASN B 71 -5.18 -11.39 1.38
N LEU B 72 -4.79 -11.91 2.52
CA LEU B 72 -5.02 -13.32 2.82
C LEU B 72 -6.50 -13.72 2.80
N LYS B 73 -7.37 -12.77 3.14
CA LYS B 73 -8.80 -13.00 3.15
C LYS B 73 -9.32 -13.40 1.77
N ALA B 74 -8.54 -13.08 0.73
CA ALA B 74 -8.95 -13.41 -0.63
C ALA B 74 -8.94 -14.92 -0.87
N ALA B 75 -8.22 -15.64 -0.01
CA ALA B 75 -8.15 -17.08 -0.12
C ALA B 75 -9.51 -17.66 0.25
N LYS B 76 -9.92 -18.70 -0.46
CA LYS B 76 -11.20 -19.33 -0.18
C LYS B 76 -10.97 -20.79 0.17
N LYS B 77 -12.04 -21.49 0.54
CA LYS B 77 -11.93 -22.90 0.88
C LYS B 77 -11.38 -23.60 -0.36
N GLY B 78 -10.36 -24.43 -0.20
CA GLY B 78 -9.80 -25.13 -1.34
C GLY B 78 -8.57 -24.46 -1.93
N SER B 79 -8.35 -23.18 -1.62
CA SER B 79 -7.19 -22.45 -2.14
C SER B 79 -5.92 -23.16 -1.72
N MET B 80 -4.97 -23.25 -2.63
CA MET B 80 -3.71 -23.92 -2.33
C MET B 80 -2.69 -22.99 -1.65
N VAL B 81 -1.87 -23.60 -0.79
CA VAL B 81 -0.82 -22.88 -0.09
C VAL B 81 0.45 -23.70 -0.31
N TYR B 82 1.51 -23.04 -0.73
CA TYR B 82 2.78 -23.72 -0.98
C TYR B 82 3.86 -23.15 -0.08
N PHE B 83 4.61 -24.05 0.54
CA PHE B 83 5.67 -23.66 1.45
C PHE B 83 6.94 -24.36 1.05
N LYS B 84 8.06 -23.63 1.06
CA LYS B 84 9.34 -24.21 0.70
C LYS B 84 10.42 -23.83 1.69
N VAL B 85 11.19 -24.82 2.12
CA VAL B 85 12.28 -24.62 3.07
C VAL B 85 13.45 -25.43 2.53
N GLY B 86 14.53 -24.75 2.17
CA GLY B 86 15.67 -25.46 1.61
C GLY B 86 15.25 -26.05 0.28
N ASN B 87 15.45 -27.35 0.11
CA ASN B 87 15.08 -28.01 -1.13
C ASN B 87 13.76 -28.76 -1.05
N GLU B 88 13.10 -28.69 0.11
CA GLU B 88 11.84 -29.39 0.30
C GLU B 88 10.61 -28.49 0.16
N THR B 89 9.64 -28.96 -0.61
CA THR B 89 8.42 -28.21 -0.84
C THR B 89 7.26 -28.95 -0.19
N ARG B 90 6.28 -28.19 0.29
CA ARG B 90 5.10 -28.79 0.90
C ARG B 90 3.89 -28.02 0.39
N LYS B 91 2.72 -28.65 0.44
CA LYS B 91 1.51 -28.00 -0.05
C LYS B 91 0.33 -28.31 0.84
N TYR B 92 -0.56 -27.33 1.00
CA TYR B 92 -1.73 -27.46 1.84
C TYR B 92 -2.93 -26.83 1.15
N LYS B 93 -4.12 -27.27 1.55
CA LYS B 93 -5.36 -26.76 0.99
C LYS B 93 -6.17 -26.07 2.08
N MET B 94 -6.53 -24.82 1.84
CA MET B 94 -7.29 -24.04 2.81
C MET B 94 -8.62 -24.69 3.18
N THR B 95 -8.94 -24.69 4.47
CA THR B 95 -10.21 -25.26 4.94
C THR B 95 -11.19 -24.09 5.02
N SER B 96 -12.36 -24.32 5.60
CA SER B 96 -13.35 -23.25 5.75
C SER B 96 -12.94 -22.33 6.89
N ILE B 97 -12.03 -22.82 7.74
CA ILE B 97 -11.56 -22.03 8.86
C ILE B 97 -10.62 -20.93 8.39
N ARG B 98 -11.19 -19.79 8.05
CA ARG B 98 -10.43 -18.65 7.56
C ARG B 98 -10.93 -17.39 8.22
N ASP B 99 -9.99 -16.52 8.58
CA ASP B 99 -10.33 -15.25 9.19
C ASP B 99 -11.20 -15.46 10.44
N VAL B 100 -10.73 -16.32 11.34
CA VAL B 100 -11.46 -16.59 12.56
C VAL B 100 -10.57 -16.27 13.76
N LYS B 101 -11.17 -15.73 14.82
CA LYS B 101 -10.41 -15.39 16.02
C LYS B 101 -9.91 -16.66 16.72
N PRO B 102 -8.64 -16.64 17.17
CA PRO B 102 -8.01 -17.78 17.85
C PRO B 102 -8.84 -18.21 19.06
N THR B 103 -9.43 -17.23 19.73
CA THR B 103 -10.24 -17.51 20.91
C THR B 103 -11.57 -18.17 20.54
N ASP B 104 -11.83 -18.31 19.25
CA ASP B 104 -13.06 -18.93 18.78
C ASP B 104 -12.87 -20.39 18.38
N VAL B 105 -11.67 -20.92 18.60
CA VAL B 105 -11.37 -22.32 18.28
C VAL B 105 -10.26 -22.86 19.18
N LYS B 116 -1.27 -33.51 8.81
CA LYS B 116 -0.49 -32.32 9.13
C LYS B 116 -1.21 -31.06 8.63
N GLN B 117 -0.93 -29.93 9.27
CA GLN B 117 -1.58 -28.69 8.88
C GLN B 117 -0.70 -27.47 9.00
N LEU B 118 -1.17 -26.39 8.39
CA LEU B 118 -0.48 -25.11 8.41
C LEU B 118 -1.46 -24.07 8.89
N THR B 119 -1.09 -23.34 9.94
CA THR B 119 -1.94 -22.30 10.46
C THR B 119 -1.31 -20.96 10.15
N LEU B 120 -2.02 -20.14 9.37
CA LEU B 120 -1.54 -18.81 9.03
C LEU B 120 -2.23 -17.85 9.98
N ILE B 121 -1.46 -16.94 10.57
CA ILE B 121 -2.01 -15.96 11.50
C ILE B 121 -1.79 -14.55 10.99
N THR B 122 -2.85 -13.74 10.99
CA THR B 122 -2.72 -12.35 10.58
C THR B 122 -2.76 -11.49 11.85
N ALA B 123 -1.99 -10.41 11.84
CA ALA B 123 -1.92 -9.52 13.00
C ALA B 123 -2.08 -8.04 12.65
N ASP B 124 -2.87 -7.34 13.46
CA ASP B 124 -3.12 -5.92 13.28
C ASP B 124 -3.55 -5.33 14.63
N ASP B 125 -3.50 -4.01 14.75
CA ASP B 125 -3.88 -3.30 15.99
C ASP B 125 -3.00 -3.69 17.17
N TYR B 126 -1.74 -3.30 17.10
CA TYR B 126 -0.76 -3.59 18.14
C TYR B 126 -1.01 -2.86 19.46
N ASN B 127 -0.98 -3.59 20.57
CA ASN B 127 -1.17 -3.01 21.89
C ASN B 127 0.21 -2.95 22.56
N GLU B 128 0.85 -1.80 22.45
CA GLU B 128 2.18 -1.58 23.01
C GLU B 128 2.33 -1.91 24.50
N LYS B 129 1.28 -1.69 25.28
CA LYS B 129 1.36 -1.96 26.71
C LYS B 129 1.72 -3.42 27.02
N THR B 130 0.98 -4.34 26.42
CA THR B 130 1.21 -5.77 26.65
C THR B 130 1.98 -6.46 25.53
N GLY B 131 2.16 -5.76 24.41
CA GLY B 131 2.89 -6.32 23.29
C GLY B 131 2.07 -7.30 22.47
N VAL B 132 0.78 -7.37 22.73
CA VAL B 132 -0.10 -8.28 22.00
C VAL B 132 -0.76 -7.59 20.80
N TRP B 133 -1.17 -8.38 19.83
CA TRP B 133 -1.85 -7.86 18.66
C TRP B 133 -3.36 -7.99 18.93
N GLU B 134 -4.03 -6.85 19.03
CA GLU B 134 -5.46 -6.82 19.30
C GLU B 134 -6.27 -7.62 18.29
N LYS B 135 -6.00 -7.40 17.01
CA LYS B 135 -6.72 -8.11 15.96
C LYS B 135 -5.91 -9.26 15.37
N ARG B 136 -6.26 -10.48 15.75
CA ARG B 136 -5.58 -11.66 15.24
C ARG B 136 -6.62 -12.60 14.65
N LYS B 137 -6.32 -13.12 13.47
CA LYS B 137 -7.22 -14.05 12.78
C LYS B 137 -6.40 -15.24 12.29
N ILE B 138 -7.01 -16.42 12.24
CA ILE B 138 -6.28 -17.59 11.79
C ILE B 138 -6.91 -18.23 10.55
N PHE B 139 -6.05 -18.84 9.75
CA PHE B 139 -6.44 -19.52 8.53
C PHE B 139 -5.81 -20.91 8.63
N VAL B 140 -6.63 -21.94 8.51
CA VAL B 140 -6.11 -23.30 8.62
C VAL B 140 -6.15 -24.04 7.29
N ALA B 141 -5.02 -24.64 6.92
CA ALA B 141 -4.91 -25.42 5.68
C ALA B 141 -4.37 -26.82 6.02
N THR B 142 -4.90 -27.84 5.36
CA THR B 142 -4.49 -29.22 5.60
C THR B 142 -3.59 -29.71 4.48
N GLU B 143 -2.54 -30.45 4.85
CA GLU B 143 -1.58 -30.93 3.86
C GLU B 143 -2.16 -31.83 2.79
N VAL B 144 -1.70 -31.62 1.56
CA VAL B 144 -2.14 -32.41 0.42
C VAL B 144 -0.94 -33.18 -0.10
N LYS B 145 -1.13 -34.48 -0.32
CA LYS B 145 -0.09 -35.36 -0.83
C LYS B 145 1.21 -35.29 -0.03
N LYS C 1 25.22 -9.79 4.36
CA LYS C 1 24.62 -8.45 4.13
C LYS C 1 24.52 -8.14 2.64
N PRO C 2 23.53 -7.32 2.24
CA PRO C 2 23.33 -6.96 0.85
C PRO C 2 24.50 -6.14 0.31
N GLN C 3 24.84 -6.35 -0.95
CA GLN C 3 25.95 -5.63 -1.57
C GLN C 3 25.62 -5.19 -3.00
N ILE C 4 26.20 -4.06 -3.41
CA ILE C 4 25.96 -3.55 -4.75
C ILE C 4 26.99 -4.18 -5.69
N PRO C 5 26.53 -4.89 -6.73
CA PRO C 5 27.39 -5.55 -7.71
C PRO C 5 28.40 -4.62 -8.38
N LYS C 6 29.58 -5.17 -8.70
CA LYS C 6 30.62 -4.39 -9.36
C LYS C 6 30.32 -4.35 -10.85
N ASP C 7 29.72 -5.44 -11.34
CA ASP C 7 29.34 -5.52 -12.74
C ASP C 7 28.11 -4.63 -12.89
N LYS C 8 28.24 -3.57 -13.68
CA LYS C 8 27.15 -2.61 -13.87
C LYS C 8 25.93 -3.17 -14.60
N SER C 9 26.07 -4.33 -15.21
CA SER C 9 24.93 -4.93 -15.91
C SER C 9 24.11 -5.80 -14.96
N LYS C 10 24.59 -5.98 -13.74
CA LYS C 10 23.89 -6.82 -12.76
C LYS C 10 22.94 -6.08 -11.81
N VAL C 11 21.72 -6.62 -11.66
CA VAL C 11 20.72 -6.01 -10.79
C VAL C 11 21.11 -6.10 -9.32
N ALA C 12 21.06 -4.97 -8.63
CA ALA C 12 21.39 -4.90 -7.21
C ALA C 12 20.18 -5.20 -6.33
N GLY C 13 18.99 -4.83 -6.82
CA GLY C 13 17.78 -5.08 -6.06
C GLY C 13 16.61 -4.44 -6.78
N TYR C 14 15.47 -4.34 -6.09
CA TYR C 14 14.28 -3.73 -6.67
C TYR C 14 13.67 -2.67 -5.76
N ILE C 15 13.12 -1.62 -6.37
CA ILE C 15 12.48 -0.56 -5.62
C ILE C 15 11.01 -0.58 -6.02
N GLU C 16 10.13 -0.47 -5.04
CA GLU C 16 8.69 -0.49 -5.30
C GLU C 16 7.98 0.62 -4.58
N ILE C 17 7.16 1.37 -5.33
CA ILE C 17 6.39 2.47 -4.78
C ILE C 17 4.99 2.32 -5.36
N PRO C 18 4.13 1.53 -4.70
CA PRO C 18 2.75 1.25 -5.10
C PRO C 18 1.88 2.43 -5.51
N ASP C 19 1.92 3.51 -4.73
CA ASP C 19 1.11 4.67 -5.05
C ASP C 19 1.50 5.30 -6.39
N ALA C 20 2.72 5.06 -6.86
CA ALA C 20 3.17 5.62 -8.13
C ALA C 20 3.25 4.55 -9.23
N ASP C 21 2.83 3.33 -8.89
CA ASP C 21 2.86 2.20 -9.81
C ASP C 21 4.29 1.91 -10.28
N ILE C 22 5.26 2.13 -9.40
CA ILE C 22 6.66 1.89 -9.73
C ILE C 22 7.16 0.57 -9.14
N LYS C 23 7.77 -0.25 -9.98
CA LYS C 23 8.34 -1.53 -9.59
C LYS C 23 9.49 -1.69 -10.57
N GLU C 24 10.69 -1.34 -10.10
CA GLU C 24 11.88 -1.34 -10.94
C GLU C 24 13.12 -2.00 -10.38
N PRO C 25 13.90 -2.64 -11.25
CA PRO C 25 15.13 -3.27 -10.76
C PRO C 25 16.12 -2.10 -10.67
N VAL C 26 17.05 -2.16 -9.72
CA VAL C 26 18.03 -1.09 -9.53
C VAL C 26 19.44 -1.59 -9.85
N TYR C 27 20.14 -0.84 -10.70
CA TYR C 27 21.49 -1.21 -11.11
C TYR C 27 22.56 -0.34 -10.46
N PRO C 28 23.81 -0.81 -10.49
CA PRO C 28 24.93 -0.06 -9.90
C PRO C 28 25.07 1.32 -10.56
N GLY C 29 25.57 2.29 -9.81
CA GLY C 29 25.76 3.61 -10.37
C GLY C 29 27.10 3.65 -11.10
N PRO C 30 27.54 4.81 -11.58
CA PRO C 30 26.85 6.10 -11.46
C PRO C 30 25.71 6.18 -12.48
N ALA C 31 24.79 7.12 -12.23
CA ALA C 31 23.63 7.30 -13.10
C ALA C 31 23.96 8.03 -14.40
N THR C 32 24.71 7.37 -15.27
CA THR C 32 25.07 7.93 -16.56
C THR C 32 23.93 7.59 -17.53
N PRO C 33 23.81 8.30 -18.65
CA PRO C 33 22.74 7.98 -19.59
C PRO C 33 22.81 6.51 -19.94
N GLU C 34 24.03 5.97 -19.95
CA GLU C 34 24.26 4.56 -20.27
C GLU C 34 23.62 3.64 -19.22
N GLN C 35 23.86 3.93 -17.94
CA GLN C 35 23.27 3.13 -16.87
C GLN C 35 21.76 3.31 -16.82
N LEU C 36 21.30 4.55 -16.93
CA LEU C 36 19.87 4.79 -16.89
C LEU C 36 19.17 4.14 -18.07
N ASN C 37 19.94 3.87 -19.12
CA ASN C 37 19.40 3.21 -20.30
C ASN C 37 19.04 1.78 -19.88
N ARG C 38 19.83 1.24 -18.96
CA ARG C 38 19.59 -0.11 -18.45
C ARG C 38 18.42 -0.07 -17.46
N GLY C 39 18.44 0.93 -16.59
CA GLY C 39 17.36 1.07 -15.63
C GLY C 39 17.73 2.02 -14.52
N VAL C 40 16.79 2.20 -13.59
CA VAL C 40 17.01 3.05 -12.44
C VAL C 40 18.33 2.59 -11.83
N SER C 41 19.18 3.53 -11.41
CA SER C 41 20.48 3.17 -10.86
C SER C 41 20.90 4.08 -9.70
N PHE C 42 21.86 3.62 -8.90
CA PHE C 42 22.35 4.45 -7.80
C PHE C 42 23.01 5.66 -8.45
N ALA C 43 22.84 6.82 -7.83
CA ALA C 43 23.39 8.05 -8.37
C ALA C 43 24.91 8.05 -8.55
N GLU C 44 25.63 7.49 -7.58
CA GLU C 44 27.08 7.45 -7.64
C GLU C 44 27.63 6.03 -7.65
N GLU C 45 28.77 5.85 -8.32
CA GLU C 45 29.41 4.55 -8.42
C GLU C 45 29.76 4.00 -7.04
N ASN C 46 30.29 4.87 -6.18
CA ASN C 46 30.67 4.47 -4.84
C ASN C 46 29.54 4.74 -3.86
N GLU C 47 28.55 3.84 -3.85
CA GLU C 47 27.41 3.97 -2.94
C GLU C 47 27.47 2.78 -1.99
N SER C 48 26.91 2.95 -0.79
CA SER C 48 26.91 1.90 0.21
C SER C 48 25.50 1.65 0.73
N LEU C 49 25.09 0.38 0.74
CA LEU C 49 23.76 0.03 1.22
C LEU C 49 23.70 0.16 2.74
N ASP C 50 24.84 0.48 3.33
CA ASP C 50 24.93 0.63 4.77
C ASP C 50 24.96 2.10 5.22
N ASP C 51 24.89 3.03 4.26
CA ASP C 51 24.92 4.45 4.58
C ASP C 51 23.58 4.99 5.07
N GLN C 52 23.63 6.14 5.75
CA GLN C 52 22.43 6.78 6.27
C GLN C 52 21.57 7.27 5.11
N ASN C 53 22.22 7.65 4.02
CA ASN C 53 21.51 8.09 2.84
C ASN C 53 21.93 7.34 1.61
N ILE C 54 20.95 6.82 0.89
CA ILE C 54 21.18 6.10 -0.34
C ILE C 54 20.45 6.87 -1.43
N SER C 55 21.15 7.18 -2.52
CA SER C 55 20.57 7.94 -3.62
C SER C 55 20.40 7.07 -4.86
N ILE C 56 19.22 7.15 -5.46
CA ILE C 56 18.89 6.38 -6.66
C ILE C 56 18.28 7.32 -7.69
N ALA C 57 18.74 7.22 -8.93
CA ALA C 57 18.24 8.09 -10.00
C ALA C 57 17.44 7.33 -11.06
N GLY C 58 16.51 8.02 -11.70
CA GLY C 58 15.71 7.41 -12.74
C GLY C 58 15.21 8.47 -13.71
N HIS C 59 14.93 8.08 -14.95
CA HIS C 59 14.43 9.01 -15.96
C HIS C 59 13.06 9.58 -15.65
N THR C 60 12.80 10.73 -16.25
CA THR C 60 11.51 11.40 -16.19
C THR C 60 11.29 11.73 -17.67
N PHE C 61 10.36 11.04 -18.30
CA PHE C 61 10.06 11.26 -19.71
C PHE C 61 8.54 11.16 -19.84
N ILE C 62 7.86 12.31 -19.83
CA ILE C 62 6.40 12.33 -19.89
C ILE C 62 5.73 11.56 -21.01
N ASP C 63 6.43 11.38 -22.13
CA ASP C 63 5.86 10.66 -23.25
C ASP C 63 5.54 9.21 -22.85
N ARG C 64 6.26 8.71 -21.85
CA ARG C 64 6.05 7.37 -21.31
C ARG C 64 5.74 7.58 -19.83
N PRO C 65 4.47 7.86 -19.51
CA PRO C 65 3.94 8.13 -18.16
C PRO C 65 4.42 7.24 -17.01
N ASN C 66 4.65 5.96 -17.29
CA ASN C 66 5.08 5.03 -16.24
C ASN C 66 6.49 4.49 -16.41
N TYR C 67 7.33 5.23 -17.12
CA TYR C 67 8.71 4.83 -17.36
C TYR C 67 9.61 5.30 -16.21
N GLN C 68 10.30 4.36 -15.56
CA GLN C 68 11.19 4.66 -14.44
C GLN C 68 10.57 5.59 -13.38
N PHE C 69 11.13 6.79 -13.18
CA PHE C 69 10.58 7.69 -12.17
C PHE C 69 9.69 8.80 -12.72
N THR C 70 9.16 8.59 -13.92
CA THR C 70 8.30 9.59 -14.54
C THR C 70 7.05 9.89 -13.71
N ASN C 71 6.48 8.87 -13.09
CA ASN C 71 5.27 9.03 -12.29
C ASN C 71 5.54 9.09 -10.79
N LEU C 72 6.78 9.38 -10.42
CA LEU C 72 7.16 9.46 -9.00
C LEU C 72 6.35 10.52 -8.25
N LYS C 73 5.94 11.56 -8.96
CA LYS C 73 5.16 12.64 -8.38
C LYS C 73 3.83 12.16 -7.79
N ALA C 74 3.38 10.98 -8.21
CA ALA C 74 2.13 10.41 -7.73
C ALA C 74 2.27 9.92 -6.28
N ALA C 75 3.50 9.78 -5.82
CA ALA C 75 3.76 9.34 -4.45
C ALA C 75 3.70 10.59 -3.59
N LYS C 76 2.74 10.64 -2.68
CA LYS C 76 2.58 11.81 -1.81
C LYS C 76 3.20 11.56 -0.44
N LYS C 77 3.17 12.57 0.41
CA LYS C 77 3.72 12.42 1.76
C LYS C 77 3.04 11.22 2.41
N GLY C 78 3.83 10.32 2.97
CA GLY C 78 3.27 9.14 3.62
C GLY C 78 3.26 7.89 2.77
N SER C 79 3.47 8.05 1.47
CA SER C 79 3.49 6.91 0.55
C SER C 79 4.62 5.95 0.86
N MET C 80 4.31 4.65 0.86
CA MET C 80 5.30 3.63 1.13
C MET C 80 6.29 3.42 -0.02
N VAL C 81 7.53 3.15 0.34
CA VAL C 81 8.57 2.87 -0.62
C VAL C 81 9.25 1.64 -0.05
N TYR C 82 9.34 0.58 -0.85
CA TYR C 82 9.98 -0.65 -0.42
C TYR C 82 11.23 -0.86 -1.25
N PHE C 83 12.35 -1.15 -0.60
CA PHE C 83 13.60 -1.37 -1.30
C PHE C 83 14.05 -2.78 -0.95
N LYS C 84 13.98 -3.68 -1.93
CA LYS C 84 14.34 -5.07 -1.70
C LYS C 84 15.77 -5.37 -2.16
N VAL C 85 16.65 -5.55 -1.18
CA VAL C 85 18.05 -5.85 -1.46
C VAL C 85 18.51 -6.98 -0.55
N GLY C 86 19.21 -7.95 -1.12
CA GLY C 86 19.69 -9.06 -0.33
C GLY C 86 18.56 -9.79 0.36
N ASN C 87 18.72 -10.08 1.65
CA ASN C 87 17.71 -10.79 2.40
C ASN C 87 16.81 -9.84 3.21
N GLU C 88 16.60 -8.64 2.70
CA GLU C 88 15.75 -7.70 3.43
C GLU C 88 14.85 -6.83 2.58
N THR C 89 13.72 -6.46 3.17
CA THR C 89 12.76 -5.57 2.52
C THR C 89 12.75 -4.32 3.39
N ARG C 90 13.43 -3.28 2.91
CA ARG C 90 13.50 -2.03 3.64
C ARG C 90 12.26 -1.20 3.34
N LYS C 91 11.73 -0.56 4.36
CA LYS C 91 10.54 0.25 4.23
C LYS C 91 10.82 1.72 4.56
N TYR C 92 10.25 2.61 3.75
CA TYR C 92 10.42 4.04 3.94
C TYR C 92 9.08 4.69 3.63
N LYS C 93 8.93 5.93 4.06
CA LYS C 93 7.72 6.70 3.79
C LYS C 93 8.15 8.03 3.21
N MET C 94 7.48 8.43 2.14
CA MET C 94 7.80 9.68 1.48
C MET C 94 7.54 10.84 2.44
N THR C 95 8.46 11.80 2.46
CA THR C 95 8.33 12.97 3.32
C THR C 95 7.70 14.10 2.53
N SER C 96 7.71 15.30 3.11
CA SER C 96 7.15 16.48 2.45
C SER C 96 8.12 17.00 1.39
N ILE C 97 9.33 16.45 1.40
CA ILE C 97 10.35 16.85 0.43
C ILE C 97 10.22 15.95 -0.79
N ARG C 98 9.45 16.41 -1.77
CA ARG C 98 9.21 15.64 -2.98
C ARG C 98 8.97 16.53 -4.20
N ASP C 99 9.50 16.10 -5.33
CA ASP C 99 9.36 16.83 -6.59
C ASP C 99 9.86 18.27 -6.45
N VAL C 100 11.03 18.43 -5.83
CA VAL C 100 11.60 19.77 -5.64
C VAL C 100 12.95 19.93 -6.31
N LYS C 101 13.21 21.12 -6.86
CA LYS C 101 14.48 21.39 -7.51
C LYS C 101 15.57 21.43 -6.45
N PRO C 102 16.81 21.04 -6.82
CA PRO C 102 17.93 21.03 -5.89
C PRO C 102 18.11 22.35 -5.13
N THR C 103 17.95 23.47 -5.83
CA THR C 103 18.11 24.77 -5.20
C THR C 103 16.99 25.14 -4.22
N ASP C 104 15.90 24.38 -4.23
CA ASP C 104 14.79 24.68 -3.34
C ASP C 104 14.78 23.80 -2.09
N VAL C 105 15.85 23.01 -1.92
CA VAL C 105 15.97 22.13 -0.76
C VAL C 105 16.56 22.92 0.40
N GLY C 106 15.87 22.91 1.54
CA GLY C 106 16.34 23.62 2.71
C GLY C 106 17.43 22.88 3.45
N VAL C 107 18.19 23.60 4.28
CA VAL C 107 19.28 22.99 5.04
C VAL C 107 18.84 21.85 5.96
N LEU C 108 17.58 21.88 6.38
CA LEU C 108 17.07 20.83 7.28
C LEU C 108 15.98 19.97 6.67
N ASP C 109 15.91 19.92 5.35
CA ASP C 109 14.89 19.12 4.68
C ASP C 109 15.28 17.66 4.48
N GLU C 110 16.42 17.26 5.05
CA GLU C 110 16.88 15.89 4.92
C GLU C 110 18.00 15.56 5.91
N GLN C 111 18.23 14.27 6.12
CA GLN C 111 19.27 13.78 7.03
C GLN C 111 19.32 14.59 8.32
N LYS C 112 18.15 15.07 8.76
CA LYS C 112 18.06 15.87 9.97
C LYS C 112 17.94 15.01 11.23
N GLY C 113 17.86 13.70 11.04
CA GLY C 113 17.74 12.80 12.17
C GLY C 113 18.66 11.60 12.10
N LYS C 114 18.42 10.62 12.96
CA LYS C 114 19.25 9.41 12.98
C LYS C 114 18.71 8.34 12.05
N ASP C 115 17.46 8.49 11.64
CA ASP C 115 16.82 7.53 10.75
C ASP C 115 17.42 7.46 9.36
N LYS C 116 17.43 6.26 8.79
CA LYS C 116 17.95 6.03 7.46
C LYS C 116 17.02 6.67 6.44
N GLN C 117 17.55 7.03 5.28
CA GLN C 117 16.71 7.65 4.27
C GLN C 117 17.12 7.28 2.86
N LEU C 118 16.19 7.50 1.94
CA LEU C 118 16.39 7.22 0.54
C LEU C 118 16.11 8.52 -0.21
N THR C 119 17.04 8.90 -1.08
CA THR C 119 16.87 10.11 -1.89
C THR C 119 16.63 9.59 -3.32
N LEU C 120 15.43 9.84 -3.85
CA LEU C 120 15.10 9.41 -5.21
C LEU C 120 15.19 10.65 -6.09
N ILE C 121 15.93 10.53 -7.19
CA ILE C 121 16.15 11.65 -8.09
C ILE C 121 15.64 11.38 -9.50
N THR C 122 14.79 12.27 -10.03
CA THR C 122 14.33 12.10 -11.40
C THR C 122 15.35 12.90 -12.19
N ALA C 123 15.83 12.34 -13.29
CA ALA C 123 16.84 12.98 -14.11
C ALA C 123 16.42 13.22 -15.56
N ASP C 124 16.91 14.31 -16.13
CA ASP C 124 16.60 14.67 -17.50
C ASP C 124 17.51 15.79 -17.99
N ASP C 125 17.57 15.96 -19.31
CA ASP C 125 18.39 17.00 -19.93
C ASP C 125 19.85 16.90 -19.53
N TYR C 126 20.47 15.77 -19.92
CA TYR C 126 21.87 15.52 -19.61
C TYR C 126 22.77 16.49 -20.36
N ASN C 127 23.84 16.93 -19.70
CA ASN C 127 24.78 17.85 -20.33
C ASN C 127 26.06 17.09 -20.64
N GLU C 128 26.24 16.75 -21.91
CA GLU C 128 27.42 16.02 -22.36
C GLU C 128 28.71 16.68 -21.88
N LYS C 129 28.68 18.00 -21.77
CA LYS C 129 29.84 18.76 -21.33
C LYS C 129 30.09 18.60 -19.83
N THR C 130 29.28 19.27 -19.02
CA THR C 130 29.42 19.23 -17.58
C THR C 130 29.15 17.83 -17.00
N GLY C 131 28.73 16.91 -17.86
CA GLY C 131 28.44 15.56 -17.42
C GLY C 131 27.44 15.52 -16.28
N VAL C 132 26.39 16.33 -16.38
CA VAL C 132 25.37 16.40 -15.35
C VAL C 132 23.96 16.49 -15.95
N TRP C 133 22.99 15.90 -15.25
CA TRP C 133 21.59 15.96 -15.69
C TRP C 133 21.14 17.34 -15.20
N GLU C 134 20.96 18.26 -16.15
CA GLU C 134 20.56 19.63 -15.84
C GLU C 134 19.23 19.81 -15.12
N LYS C 135 18.27 18.94 -15.40
CA LYS C 135 16.96 19.03 -14.78
C LYS C 135 16.76 17.86 -13.83
N ARG C 136 16.77 18.16 -12.53
CA ARG C 136 16.61 17.14 -11.51
C ARG C 136 15.53 17.53 -10.51
N LYS C 137 14.81 16.53 -10.01
CA LYS C 137 13.79 16.75 -9.00
C LYS C 137 14.15 15.78 -7.89
N ILE C 138 14.09 16.27 -6.65
CA ILE C 138 14.45 15.48 -5.48
C ILE C 138 13.27 14.98 -4.66
N PHE C 139 13.36 13.74 -4.20
CA PHE C 139 12.34 13.10 -3.36
C PHE C 139 13.07 12.40 -2.22
N VAL C 140 12.61 12.62 -1.00
CA VAL C 140 13.22 11.99 0.15
C VAL C 140 12.23 11.16 0.93
N ALA C 141 12.61 9.92 1.24
CA ALA C 141 11.76 9.01 2.00
C ALA C 141 12.56 8.49 3.19
N THR C 142 12.02 8.64 4.39
CA THR C 142 12.71 8.19 5.60
C THR C 142 12.25 6.83 6.10
N GLU C 143 13.20 6.09 6.65
CA GLU C 143 12.98 4.75 7.17
C GLU C 143 11.79 4.63 8.11
N VAL C 144 11.00 3.58 7.92
CA VAL C 144 9.84 3.31 8.75
C VAL C 144 9.90 1.85 9.19
N LYS C 145 9.42 1.57 10.40
CA LYS C 145 9.44 0.21 10.92
C LYS C 145 8.19 -0.07 11.75
N LEU D 1 -28.05 6.82 -10.82
CA LEU D 1 -28.04 8.11 -10.16
C LEU D 1 -26.70 8.45 -9.53
N PRO D 2 -26.54 9.73 -9.29
CA PRO D 2 -25.32 10.22 -8.57
C PRO D 2 -25.12 9.59 -7.20
N GLU D 3 -26.19 9.59 -6.42
CA GLU D 3 -26.16 8.93 -5.12
C GLU D 3 -26.43 9.86 -3.93
N THR D 4 -26.37 9.21 -2.74
CA THR D 4 -26.87 9.77 -1.49
C THR D 4 -26.10 9.67 -0.12
N GLY D 5 -25.51 8.54 0.24
CA GLY D 5 -24.83 8.41 1.52
C GLY D 5 -25.64 7.59 2.52
#